data_4C9D
#
_entry.id   4C9D
#
_cell.length_a   75.220
_cell.length_b   75.220
_cell.length_c   308.780
_cell.angle_alpha   90.00
_cell.angle_beta   90.00
_cell.angle_gamma   90.00
#
_symmetry.space_group_name_H-M   'P 43 21 2'
#
loop_
_entity.id
_entity.type
_entity.pdbx_description
1 polymer CAS6B
2 polymer 'R3 REPEAT RNA CLEAVAGE PRODUCT'
3 water water
#
loop_
_entity_poly.entity_id
_entity_poly.type
_entity_poly.pdbx_seq_one_letter_code
_entity_poly.pdbx_strand_id
1 'polypeptide(L)'
;GAASMPQAVVLELVGEKPPLYPARYAHGLFFALLSRVSPELAQKLHEAPRKPFTLAPLPRAGPEGATLKGTLRLRLTTLD
DGLFAPFLRALLEAAPDGLPLGDSSYRLARVLATREGHPLAGATSWEELKEAPKREKATFRFLTPTVFATSKPGGRTRYT
PLPDPRLIAGSLLDKWQAHSPFPYNPKEEAALRELFELDLEVAGFRNLRFHRVQAGKGFFPGFTGEATLRLWSQSLEAQE
ALGRLHALAFFSGVGAKTPYGMGLAVPL
;
A,B
2 'polyribonucleotide' GGUUGCAAACCUCGUUAGCCUCGUAGAG(23G) C,D
#
loop_
_chem_comp.id
_chem_comp.type
_chem_comp.name
_chem_comp.formula
23G RNA OH 3 prime terminus 'GUANOSINE-5'-PHOSPHATE-2',3'-CYCLIC PHOSPHATE' 'C10 H13 N5 O10 P2'
A RNA linking ADENOSINE-5'-MONOPHOSPHATE 'C10 H14 N5 O7 P'
C RNA linking CYTIDINE-5'-MONOPHOSPHATE 'C9 H14 N3 O8 P'
G RNA linking GUANOSINE-5'-MONOPHOSPHATE 'C10 H14 N5 O8 P'
U RNA linking URIDINE-5'-MONOPHOSPHATE 'C9 H13 N2 O9 P'
#
# COMPACT_ATOMS: atom_id res chain seq x y z
N MET A 5 13.38 -30.87 -6.62
CA MET A 5 12.77 -30.20 -5.45
C MET A 5 13.12 -28.74 -5.52
N PRO A 6 12.11 -27.88 -5.32
CA PRO A 6 12.53 -26.49 -5.20
C PRO A 6 13.44 -26.33 -3.98
N GLN A 7 14.72 -26.10 -4.21
CA GLN A 7 15.67 -25.86 -3.14
C GLN A 7 15.97 -24.38 -2.98
N ALA A 8 16.57 -24.03 -1.85
CA ALA A 8 16.98 -22.66 -1.59
C ALA A 8 18.33 -22.70 -0.92
N VAL A 9 19.35 -22.25 -1.63
CA VAL A 9 20.71 -22.28 -1.12
C VAL A 9 21.27 -20.86 -1.00
N VAL A 10 21.93 -20.59 0.13
CA VAL A 10 22.64 -19.33 0.32
C VAL A 10 24.12 -19.55 0.07
N LEU A 11 24.72 -18.65 -0.69
CA LEU A 11 26.13 -18.74 -1.07
C LEU A 11 26.88 -17.55 -0.50
N GLU A 12 27.90 -17.82 0.30
CA GLU A 12 28.78 -16.77 0.80
C GLU A 12 29.99 -16.62 -0.12
N LEU A 13 30.11 -15.45 -0.74
CA LEU A 13 31.28 -15.15 -1.57
C LEU A 13 32.15 -14.11 -0.87
N VAL A 14 33.45 -14.38 -0.80
CA VAL A 14 34.40 -13.47 -0.18
C VAL A 14 35.28 -12.81 -1.23
N GLY A 15 35.45 -11.50 -1.14
CA GLY A 15 36.22 -10.77 -2.14
C GLY A 15 36.91 -9.52 -1.63
N GLU A 16 37.57 -8.83 -2.55
CA GLU A 16 38.33 -7.63 -2.21
C GLU A 16 37.40 -6.47 -1.97
N LYS A 17 36.49 -6.25 -2.92
CA LYS A 17 35.62 -5.09 -2.92
C LYS A 17 34.17 -5.51 -3.13
N PRO A 18 33.24 -4.84 -2.46
CA PRO A 18 31.83 -5.19 -2.66
C PRO A 18 31.41 -4.89 -4.10
N PRO A 19 30.70 -5.82 -4.76
CA PRO A 19 30.45 -5.71 -6.20
C PRO A 19 29.64 -4.48 -6.55
N LEU A 20 29.78 -4.01 -7.78
CA LEU A 20 29.13 -2.78 -8.21
C LEU A 20 27.63 -3.04 -8.36
N TYR A 21 27.27 -3.93 -9.28
CA TYR A 21 25.87 -4.29 -9.52
C TYR A 21 25.68 -5.76 -9.19
N PRO A 22 25.58 -6.10 -7.89
CA PRO A 22 25.57 -7.53 -7.50
C PRO A 22 24.46 -8.32 -8.20
N ALA A 23 23.24 -7.81 -8.15
CA ALA A 23 22.10 -8.56 -8.69
C ALA A 23 22.25 -8.84 -10.18
N ARG A 24 22.80 -7.87 -10.91
CA ARG A 24 22.96 -8.02 -12.36
C ARG A 24 24.13 -8.95 -12.67
N TYR A 25 25.21 -8.79 -11.91
CA TYR A 25 26.40 -9.63 -12.06
C TYR A 25 26.10 -11.07 -11.64
N ALA A 26 25.40 -11.22 -10.52
CA ALA A 26 24.99 -12.54 -10.04
C ALA A 26 24.20 -13.25 -11.13
N HIS A 27 23.24 -12.52 -11.70
CA HIS A 27 22.42 -13.02 -12.81
C HIS A 27 23.31 -13.55 -13.93
N GLY A 28 24.36 -12.81 -14.26
CA GLY A 28 25.27 -13.19 -15.32
C GLY A 28 26.03 -14.45 -15.00
N LEU A 29 26.48 -14.56 -13.75
CA LEU A 29 27.25 -15.72 -13.32
C LEU A 29 26.40 -16.97 -13.38
N PHE A 30 25.15 -16.86 -12.94
CA PHE A 30 24.25 -18.00 -12.94
C PHE A 30 24.18 -18.64 -14.30
N PHE A 31 23.95 -17.83 -15.33
CA PHE A 31 23.84 -18.34 -16.69
C PHE A 31 25.17 -18.79 -17.26
N ALA A 32 26.22 -18.01 -17.02
CA ALA A 32 27.57 -18.37 -17.46
C ALA A 32 27.95 -19.75 -16.94
N LEU A 33 27.66 -20.01 -15.67
CA LEU A 33 27.96 -21.30 -15.05
C LEU A 33 27.00 -22.36 -15.54
N LEU A 34 25.72 -22.02 -15.60
CA LEU A 34 24.71 -22.94 -16.08
C LEU A 34 24.98 -23.31 -17.54
N SER A 35 25.55 -22.37 -18.29
CA SER A 35 25.78 -22.56 -19.71
C SER A 35 27.00 -23.41 -20.01
N ARG A 36 28.06 -23.26 -19.22
CA ARG A 36 29.27 -24.04 -19.42
C ARG A 36 29.01 -25.53 -19.19
N VAL A 37 28.12 -25.84 -18.25
CA VAL A 37 27.83 -27.22 -17.90
C VAL A 37 26.70 -27.77 -18.74
N SER A 38 25.67 -26.95 -18.93
CA SER A 38 24.45 -27.38 -19.59
C SER A 38 24.00 -26.31 -20.57
N PRO A 39 24.73 -26.15 -21.68
CA PRO A 39 24.55 -24.96 -22.53
C PRO A 39 23.21 -24.92 -23.26
N GLU A 40 22.45 -26.01 -23.22
CA GLU A 40 21.11 -26.01 -23.79
C GLU A 40 20.10 -25.44 -22.80
N LEU A 41 20.31 -25.74 -21.52
CA LEU A 41 19.51 -25.14 -20.46
C LEU A 41 19.56 -23.62 -20.57
N ALA A 42 20.76 -23.08 -20.47
CA ALA A 42 20.97 -21.64 -20.52
C ALA A 42 20.15 -20.98 -21.62
N GLN A 43 20.12 -21.60 -22.80
CA GLN A 43 19.37 -21.06 -23.93
C GLN A 43 17.88 -21.09 -23.67
N LYS A 44 17.37 -22.24 -23.24
CA LYS A 44 15.94 -22.40 -22.99
C LYS A 44 15.47 -21.46 -21.89
N LEU A 45 16.16 -21.49 -20.75
CA LEU A 45 15.81 -20.61 -19.65
C LEU A 45 15.69 -19.18 -20.15
N HIS A 46 16.78 -18.66 -20.70
CA HIS A 46 16.83 -17.27 -21.13
C HIS A 46 15.65 -16.92 -22.05
N GLU A 47 15.11 -17.92 -22.74
CA GLU A 47 13.97 -17.75 -23.64
C GLU A 47 12.65 -17.62 -22.88
N ALA A 48 12.39 -18.59 -22.01
CA ALA A 48 11.15 -18.61 -21.23
C ALA A 48 10.85 -17.25 -20.65
N PRO A 49 9.57 -16.93 -20.46
CA PRO A 49 9.20 -15.64 -19.87
C PRO A 49 8.99 -15.74 -18.37
N ARG A 50 8.89 -16.97 -17.86
CA ARG A 50 8.81 -17.19 -16.43
C ARG A 50 9.85 -18.23 -16.04
N LYS A 51 10.96 -17.77 -15.50
CA LYS A 51 12.10 -18.65 -15.23
C LYS A 51 11.90 -19.33 -13.88
N PRO A 52 12.25 -20.63 -13.78
CA PRO A 52 12.00 -21.33 -12.52
C PRO A 52 13.14 -21.20 -11.52
N PHE A 53 13.50 -19.96 -11.18
CA PHE A 53 14.51 -19.72 -10.16
C PHE A 53 14.45 -18.26 -9.69
N THR A 54 15.19 -17.97 -8.63
CA THR A 54 15.34 -16.60 -8.17
C THR A 54 16.79 -16.40 -7.75
N LEU A 55 17.27 -15.19 -7.92
CA LEU A 55 18.63 -14.83 -7.54
C LEU A 55 18.56 -13.50 -6.81
N ALA A 56 19.00 -13.47 -5.56
CA ALA A 56 18.88 -12.26 -4.75
C ALA A 56 20.06 -12.07 -3.80
N PRO A 57 20.80 -10.97 -3.96
CA PRO A 57 21.80 -10.68 -2.94
C PRO A 57 21.13 -10.33 -1.62
N LEU A 58 21.41 -11.10 -0.57
CA LEU A 58 20.79 -10.87 0.73
C LEU A 58 21.23 -9.52 1.30
N PRO A 59 20.42 -8.94 2.18
CA PRO A 59 20.71 -7.65 2.80
C PRO A 59 21.38 -7.80 4.17
N GLY A 62 20.41 -8.23 9.20
CA GLY A 62 19.93 -7.32 10.23
C GLY A 62 20.41 -7.72 11.61
N PRO A 63 19.94 -8.87 12.11
CA PRO A 63 20.42 -9.41 13.38
C PRO A 63 21.67 -10.28 13.18
N GLU A 64 22.26 -10.16 11.99
CA GLU A 64 23.49 -10.87 11.67
C GLU A 64 24.65 -9.88 11.66
N GLY A 65 24.40 -8.68 12.19
CA GLY A 65 25.46 -7.71 12.42
C GLY A 65 26.08 -7.13 11.17
N ALA A 66 27.29 -6.62 11.32
CA ALA A 66 28.00 -5.96 10.22
C ALA A 66 28.59 -6.98 9.24
N THR A 67 28.38 -6.73 7.96
CA THR A 67 29.07 -7.49 6.92
C THR A 67 30.52 -7.05 6.91
N LEU A 68 31.39 -7.94 6.46
CA LEU A 68 32.78 -7.56 6.25
C LEU A 68 32.87 -7.00 4.84
N LYS A 69 33.60 -5.90 4.69
CA LYS A 69 33.79 -5.28 3.38
C LYS A 69 34.38 -6.25 2.35
N GLY A 70 33.57 -6.64 1.38
CA GLY A 70 34.02 -7.55 0.34
C GLY A 70 33.22 -8.84 0.32
N THR A 71 32.57 -9.17 1.45
CA THR A 71 31.75 -10.38 1.54
C THR A 71 30.34 -10.12 1.04
N LEU A 72 29.75 -11.14 0.41
CA LEU A 72 28.49 -11.02 -0.28
C LEU A 72 27.70 -12.33 -0.13
N ARG A 73 26.38 -12.26 -0.13
CA ARG A 73 25.56 -13.46 -0.02
C ARG A 73 24.55 -13.59 -1.15
N LEU A 74 24.59 -14.72 -1.85
CA LEU A 74 23.66 -14.99 -2.93
C LEU A 74 22.66 -16.05 -2.49
N ARG A 75 21.38 -15.72 -2.56
CA ARG A 75 20.34 -16.71 -2.31
C ARG A 75 19.79 -17.19 -3.63
N LEU A 76 20.02 -18.48 -3.91
CA LEU A 76 19.55 -19.11 -5.12
C LEU A 76 18.41 -20.05 -4.78
N THR A 77 17.23 -19.80 -5.37
CA THR A 77 16.13 -20.74 -5.24
C THR A 77 15.74 -21.27 -6.61
N THR A 78 15.62 -22.60 -6.69
CA THR A 78 15.32 -23.27 -7.93
C THR A 78 13.90 -23.83 -7.84
N LEU A 79 13.14 -23.74 -8.92
CA LEU A 79 11.72 -24.09 -8.86
C LEU A 79 11.37 -25.41 -9.54
N ASP A 80 12.31 -25.99 -10.27
CA ASP A 80 12.12 -27.31 -10.83
C ASP A 80 13.31 -28.20 -10.54
N ASP A 81 13.07 -29.51 -10.53
CA ASP A 81 14.05 -30.48 -10.03
C ASP A 81 15.35 -30.48 -10.83
N GLY A 82 15.29 -29.98 -12.06
CA GLY A 82 16.44 -30.04 -12.96
C GLY A 82 17.54 -29.01 -12.75
N LEU A 83 17.18 -27.84 -12.25
CA LEU A 83 18.07 -26.67 -12.30
C LEU A 83 19.24 -26.65 -11.32
N PHE A 84 19.02 -27.09 -10.10
CA PHE A 84 19.99 -26.90 -9.03
C PHE A 84 21.18 -27.86 -9.12
N ALA A 85 20.90 -29.11 -9.46
CA ALA A 85 21.95 -30.13 -9.50
C ALA A 85 23.17 -29.69 -10.31
N PRO A 86 23.00 -29.38 -11.60
CA PRO A 86 24.12 -28.92 -12.41
C PRO A 86 24.81 -27.68 -11.84
N PHE A 87 24.02 -26.67 -11.46
CA PHE A 87 24.58 -25.45 -10.94
C PHE A 87 25.67 -25.73 -9.90
N LEU A 88 25.32 -26.38 -8.80
CA LEU A 88 26.31 -26.71 -7.78
C LEU A 88 27.53 -27.22 -8.52
N ARG A 89 27.34 -28.33 -9.24
CA ARG A 89 28.41 -28.92 -10.04
C ARG A 89 29.22 -27.86 -10.79
N ALA A 90 28.54 -26.99 -11.52
CA ALA A 90 29.20 -25.94 -12.28
C ALA A 90 29.96 -25.02 -11.34
N LEU A 91 29.23 -24.46 -10.38
CA LEU A 91 29.79 -23.63 -9.33
C LEU A 91 31.04 -24.29 -8.76
N LEU A 92 30.87 -25.48 -8.19
CA LEU A 92 31.98 -26.22 -7.59
C LEU A 92 33.23 -26.12 -8.44
N GLU A 93 33.12 -26.52 -9.71
CA GLU A 93 34.30 -26.58 -10.58
C GLU A 93 34.92 -25.20 -10.76
N ALA A 94 34.09 -24.19 -10.94
CA ALA A 94 34.58 -22.84 -11.20
C ALA A 94 35.15 -22.17 -9.94
N ALA A 95 34.90 -22.76 -8.79
CA ALA A 95 35.25 -22.14 -7.51
C ALA A 95 36.75 -21.92 -7.30
N PRO A 96 37.54 -22.99 -7.31
CA PRO A 96 38.99 -22.83 -7.09
C PRO A 96 39.60 -21.73 -7.95
N ASP A 97 39.09 -21.55 -9.16
CA ASP A 97 39.55 -20.51 -10.07
C ASP A 97 39.27 -19.13 -9.50
N GLY A 98 38.11 -19.00 -8.86
CA GLY A 98 37.64 -17.71 -8.38
C GLY A 98 36.33 -17.38 -9.07
N LEU A 99 35.28 -17.13 -8.30
CA LEU A 99 33.96 -16.87 -8.85
C LEU A 99 33.77 -15.39 -9.19
N PRO A 100 33.76 -15.05 -10.48
CA PRO A 100 33.79 -13.65 -10.90
C PRO A 100 32.43 -13.02 -11.16
N LEU A 101 32.10 -11.97 -10.43
CA LEU A 101 30.97 -11.13 -10.77
C LEU A 101 31.42 -9.67 -10.88
N GLY A 102 31.57 -9.20 -12.12
CA GLY A 102 32.03 -7.86 -12.39
C GLY A 102 33.52 -7.79 -12.64
N ASP A 103 34.14 -6.76 -12.08
CA ASP A 103 35.56 -6.49 -12.29
C ASP A 103 36.47 -7.48 -11.58
N SER A 104 35.92 -8.17 -10.58
CA SER A 104 36.73 -8.93 -9.63
C SER A 104 36.16 -10.32 -9.35
N SER A 105 37.04 -11.23 -8.96
CA SER A 105 36.67 -12.61 -8.62
C SER A 105 36.50 -12.79 -7.12
N TYR A 106 35.48 -13.56 -6.74
CA TYR A 106 35.16 -13.80 -5.35
C TYR A 106 35.38 -15.26 -5.01
N ARG A 107 35.25 -15.59 -3.73
CA ARG A 107 35.69 -16.88 -3.24
C ARG A 107 34.58 -17.60 -2.49
N LEU A 108 34.06 -18.66 -3.09
CA LEU A 108 33.06 -19.49 -2.43
C LEU A 108 33.61 -19.97 -1.09
N ALA A 109 32.96 -19.54 0.00
CA ALA A 109 33.41 -19.88 1.34
C ALA A 109 32.45 -20.86 2.02
N ARG A 110 31.18 -20.81 1.61
CA ARG A 110 30.17 -21.70 2.18
C ARG A 110 29.04 -21.93 1.19
N VAL A 111 28.55 -23.17 1.14
CA VAL A 111 27.34 -23.47 0.41
C VAL A 111 26.28 -23.90 1.42
N LEU A 112 25.37 -22.98 1.74
CA LEU A 112 24.38 -23.20 2.79
C LEU A 112 23.05 -23.63 2.19
N ALA A 113 22.79 -24.94 2.17
CA ALA A 113 21.61 -25.48 1.52
C ALA A 113 20.67 -26.17 2.49
N THR A 114 20.96 -26.02 3.79
CA THR A 114 20.15 -26.62 4.83
C THR A 114 19.61 -25.52 5.72
N ARG A 115 18.32 -25.61 6.04
CA ARG A 115 17.65 -24.60 6.83
C ARG A 115 18.38 -24.27 8.13
N GLU A 116 19.27 -25.16 8.55
CA GLU A 116 20.05 -24.95 9.78
C GLU A 116 21.26 -24.06 9.54
N GLY A 117 21.71 -23.97 8.30
CA GLY A 117 22.85 -23.15 7.95
C GLY A 117 22.43 -21.71 7.72
N HIS A 118 21.26 -21.53 7.14
CA HIS A 118 20.69 -20.21 6.95
C HIS A 118 19.17 -20.36 6.89
N PRO A 119 18.44 -19.48 7.58
CA PRO A 119 16.98 -19.63 7.67
C PRO A 119 16.31 -19.51 6.31
N LEU A 120 16.94 -18.78 5.40
CA LEU A 120 16.38 -18.60 4.06
C LEU A 120 16.80 -19.75 3.13
N ALA A 121 17.63 -20.66 3.64
CA ALA A 121 18.01 -21.84 2.88
C ALA A 121 17.05 -22.97 3.18
N GLY A 122 17.09 -24.03 2.38
CA GLY A 122 16.25 -25.19 2.63
C GLY A 122 15.72 -25.86 1.37
N ALA A 123 15.09 -27.02 1.55
CA ALA A 123 14.53 -27.78 0.44
C ALA A 123 13.15 -28.34 0.77
N THR A 124 12.23 -28.25 -0.19
CA THR A 124 10.88 -28.75 -0.01
C THR A 124 10.39 -29.45 -1.25
N SER A 125 9.43 -30.35 -1.07
CA SER A 125 8.96 -31.21 -2.14
C SER A 125 7.69 -30.62 -2.75
N TRP A 126 7.64 -30.53 -4.07
CA TRP A 126 6.44 -30.06 -4.76
C TRP A 126 5.17 -30.60 -4.09
N GLU A 127 5.20 -31.88 -3.74
CA GLU A 127 4.06 -32.54 -3.11
C GLU A 127 3.78 -31.96 -1.73
N GLU A 128 4.84 -31.58 -1.04
CA GLU A 128 4.71 -31.01 0.30
C GLU A 128 4.03 -29.65 0.21
N LEU A 129 4.48 -28.83 -0.74
CA LEU A 129 3.83 -27.56 -1.00
C LEU A 129 2.36 -27.82 -1.25
N LYS A 130 2.09 -28.65 -2.25
CA LYS A 130 0.73 -29.03 -2.60
C LYS A 130 -0.12 -29.36 -1.37
N GLU A 131 0.46 -30.12 -0.44
CA GLU A 131 -0.26 -30.58 0.74
C GLU A 131 -0.05 -29.64 1.94
N ALA A 132 0.07 -28.36 1.66
CA ALA A 132 0.23 -27.36 2.72
C ALA A 132 -1.12 -27.05 3.35
N PRO A 133 -1.17 -26.97 4.69
CA PRO A 133 -2.45 -26.74 5.36
C PRO A 133 -3.15 -25.50 4.82
N LYS A 134 -4.46 -25.59 4.63
CA LYS A 134 -5.25 -24.46 4.14
C LYS A 134 -5.11 -23.26 5.08
N ARG A 135 -5.39 -22.06 4.55
CA ARG A 135 -5.18 -20.84 5.29
C ARG A 135 -6.36 -19.89 5.15
N GLU A 136 -6.70 -19.21 6.24
CA GLU A 136 -7.65 -18.10 6.19
C GLU A 136 -6.89 -16.78 6.16
N LYS A 137 -5.68 -16.79 6.69
CA LYS A 137 -4.79 -15.62 6.71
C LYS A 137 -3.39 -16.06 6.36
N ALA A 138 -2.71 -15.27 5.53
CA ALA A 138 -1.32 -15.54 5.18
C ALA A 138 -0.47 -14.29 5.32
N THR A 139 0.52 -14.36 6.21
CA THR A 139 1.47 -13.27 6.40
C THR A 139 2.73 -13.55 5.61
N PHE A 140 3.29 -12.51 5.00
CA PHE A 140 4.54 -12.61 4.26
C PHE A 140 5.49 -11.54 4.77
N ARG A 141 6.77 -11.83 4.75
CA ARG A 141 7.77 -10.82 5.03
C ARG A 141 8.61 -10.59 3.79
N PHE A 142 8.48 -9.41 3.20
CA PHE A 142 9.23 -9.07 2.01
C PHE A 142 10.59 -8.51 2.42
N LEU A 143 11.65 -9.27 2.12
CA LEU A 143 12.99 -8.94 2.59
C LEU A 143 13.72 -8.04 1.61
N THR A 144 13.29 -8.06 0.35
CA THR A 144 13.86 -7.16 -0.64
C THR A 144 12.73 -6.47 -1.40
N PRO A 145 12.99 -5.24 -1.87
CA PRO A 145 11.99 -4.46 -2.61
C PRO A 145 11.14 -5.31 -3.54
N THR A 146 9.84 -5.28 -3.31
CA THR A 146 8.89 -6.05 -4.11
C THR A 146 7.97 -5.09 -4.86
N VAL A 147 7.76 -5.37 -6.15
CA VAL A 147 6.95 -4.53 -7.00
C VAL A 147 6.15 -5.40 -7.95
N PHE A 148 5.04 -4.85 -8.46
CA PHE A 148 4.25 -5.53 -9.47
C PHE A 148 4.20 -4.68 -10.74
N ALA A 149 4.08 -5.34 -11.88
CA ALA A 149 3.93 -4.64 -13.16
C ALA A 149 2.44 -4.59 -13.47
N THR A 150 1.90 -3.38 -13.52
CA THR A 150 0.50 -3.19 -13.85
C THR A 150 0.41 -2.26 -15.05
N SER A 151 1.08 -2.64 -16.14
CA SER A 151 1.15 -1.81 -17.34
C SER A 151 -0.24 -1.58 -17.92
N LYS A 152 -0.42 -0.40 -18.53
CA LYS A 152 -1.70 -0.03 -19.11
C LYS A 152 -1.58 0.19 -20.62
N PRO A 153 -2.72 0.10 -21.34
CA PRO A 153 -2.78 0.19 -22.81
C PRO A 153 -2.05 1.39 -23.38
N GLY A 154 -1.49 1.24 -24.59
CA GLY A 154 -0.83 2.34 -25.26
C GLY A 154 0.65 2.42 -24.94
N GLY A 155 1.24 1.29 -24.55
CA GLY A 155 2.67 1.23 -24.28
C GLY A 155 3.03 1.94 -22.99
N ARG A 156 2.10 1.98 -22.05
CA ARG A 156 2.34 2.61 -20.76
C ARG A 156 2.84 1.59 -19.75
N THR A 157 3.93 1.94 -19.08
CA THR A 157 4.53 1.06 -18.08
C THR A 157 4.25 1.59 -16.68
N ARG A 158 3.60 0.76 -15.86
CA ARG A 158 3.15 1.16 -14.54
C ARG A 158 3.53 0.10 -13.51
N TYR A 159 4.08 0.54 -12.40
CA TYR A 159 4.44 -0.33 -11.29
C TYR A 159 3.63 0.00 -10.03
N THR A 160 3.15 -1.03 -9.33
CA THR A 160 2.47 -0.84 -8.06
C THR A 160 3.35 -1.40 -6.93
N PRO A 161 4.19 -0.54 -6.34
CA PRO A 161 5.02 -0.95 -5.21
C PRO A 161 4.22 -0.92 -3.92
N LEU A 162 3.15 -1.72 -3.89
CA LEU A 162 2.31 -1.86 -2.71
C LEU A 162 1.96 -3.33 -2.55
N PRO A 163 1.68 -3.76 -1.32
CA PRO A 163 1.24 -5.14 -1.12
C PRO A 163 -0.23 -5.35 -1.46
N ASP A 164 -0.57 -5.23 -2.74
CA ASP A 164 -1.93 -5.47 -3.21
C ASP A 164 -2.25 -6.94 -3.01
N PRO A 165 -3.22 -7.25 -2.13
CA PRO A 165 -3.46 -8.67 -1.87
C PRO A 165 -3.77 -9.43 -3.15
N ARG A 166 -4.56 -8.84 -4.04
CA ARG A 166 -4.81 -9.42 -5.35
C ARG A 166 -3.51 -9.77 -6.04
N LEU A 167 -2.64 -8.79 -6.16
CA LEU A 167 -1.41 -8.94 -6.92
C LEU A 167 -0.42 -9.89 -6.26
N ILE A 168 -0.39 -9.90 -4.93
CA ILE A 168 0.50 -10.82 -4.22
C ILE A 168 0.06 -12.24 -4.51
N ALA A 169 -1.21 -12.53 -4.26
CA ALA A 169 -1.78 -13.85 -4.52
C ALA A 169 -1.75 -14.18 -6.01
N GLY A 170 -2.13 -13.21 -6.82
CA GLY A 170 -2.19 -13.41 -8.26
C GLY A 170 -0.86 -13.86 -8.82
N SER A 171 0.20 -13.24 -8.34
CA SER A 171 1.55 -13.59 -8.77
C SER A 171 1.88 -15.00 -8.35
N LEU A 172 1.75 -15.27 -7.06
CA LEU A 172 2.07 -16.59 -6.52
C LEU A 172 1.39 -17.70 -7.32
N LEU A 173 0.12 -17.49 -7.68
CA LEU A 173 -0.58 -18.47 -8.50
C LEU A 173 0.09 -18.59 -9.87
N ASP A 174 0.09 -17.49 -10.62
CA ASP A 174 0.74 -17.43 -11.93
C ASP A 174 2.04 -18.21 -11.95
N LYS A 175 2.77 -18.18 -10.84
CA LYS A 175 4.00 -18.96 -10.70
C LYS A 175 3.70 -20.44 -10.48
N TRP A 176 2.81 -20.73 -9.54
CA TRP A 176 2.37 -22.10 -9.28
C TRP A 176 1.93 -22.79 -10.56
N GLN A 177 1.22 -22.05 -11.41
CA GLN A 177 0.73 -22.59 -12.66
C GLN A 177 1.86 -22.88 -13.65
N ALA A 178 2.94 -22.12 -13.55
CA ALA A 178 4.03 -22.19 -14.54
C ALA A 178 5.05 -23.30 -14.24
N HIS A 179 5.18 -23.67 -12.96
CA HIS A 179 6.26 -24.58 -12.56
C HIS A 179 5.77 -25.89 -11.95
N SER A 180 4.62 -25.86 -11.28
CA SER A 180 4.15 -27.01 -10.53
C SER A 180 3.75 -28.17 -11.46
N PRO A 181 4.06 -29.41 -11.04
CA PRO A 181 3.49 -30.61 -11.69
C PRO A 181 1.99 -30.76 -11.40
N PHE A 182 1.44 -29.95 -10.51
CA PHE A 182 0.04 -30.06 -10.13
C PHE A 182 -0.72 -28.77 -10.42
N PRO A 183 -0.63 -28.28 -11.66
CA PRO A 183 -1.29 -27.03 -12.01
C PRO A 183 -2.81 -27.13 -11.95
N TYR A 184 -3.47 -26.09 -11.46
CA TYR A 184 -4.92 -26.02 -11.51
C TYR A 184 -5.40 -26.05 -12.94
N ASN A 185 -6.59 -26.61 -13.16
CA ASN A 185 -7.18 -26.65 -14.49
C ASN A 185 -7.75 -25.29 -14.82
N PRO A 186 -7.97 -25.03 -16.12
CA PRO A 186 -8.34 -23.68 -16.55
C PRO A 186 -9.55 -23.14 -15.80
N LYS A 187 -10.39 -24.03 -15.28
CA LYS A 187 -11.56 -23.60 -14.53
C LYS A 187 -11.27 -23.45 -13.04
N GLU A 188 -10.67 -24.48 -12.45
CA GLU A 188 -10.23 -24.37 -11.06
C GLU A 188 -9.46 -23.06 -10.90
N GLU A 189 -8.65 -22.76 -11.90
CA GLU A 189 -7.79 -21.58 -11.89
C GLU A 189 -8.62 -20.31 -11.86
N ALA A 190 -9.41 -20.09 -12.90
CA ALA A 190 -10.20 -18.86 -13.03
C ALA A 190 -11.19 -18.71 -11.88
N ALA A 191 -11.51 -19.82 -11.21
CA ALA A 191 -12.35 -19.77 -10.02
C ALA A 191 -11.60 -19.05 -8.90
N LEU A 192 -10.33 -19.39 -8.73
CA LEU A 192 -9.50 -18.77 -7.72
C LEU A 192 -9.30 -17.28 -8.00
N ARG A 193 -8.97 -16.96 -9.25
CA ARG A 193 -8.71 -15.57 -9.62
C ARG A 193 -9.92 -14.69 -9.31
N GLU A 194 -11.12 -15.19 -9.57
CA GLU A 194 -12.32 -14.42 -9.26
C GLU A 194 -12.48 -14.30 -7.75
N LEU A 195 -12.27 -15.41 -7.04
CA LEU A 195 -12.36 -15.41 -5.59
C LEU A 195 -11.30 -14.49 -4.97
N PHE A 196 -10.09 -14.51 -5.54
CA PHE A 196 -9.00 -13.69 -5.02
C PHE A 196 -9.28 -12.20 -5.11
N GLU A 197 -9.90 -11.75 -6.21
CA GLU A 197 -10.28 -10.35 -6.29
C GLU A 197 -11.43 -10.08 -5.35
N LEU A 198 -12.33 -11.05 -5.25
CA LEU A 198 -13.57 -10.87 -4.51
C LEU A 198 -13.39 -10.96 -2.99
N ASP A 199 -12.55 -11.87 -2.52
CA ASP A 199 -12.55 -12.22 -1.10
C ASP A 199 -11.24 -11.94 -0.36
N LEU A 200 -10.27 -11.34 -1.05
CA LEU A 200 -8.96 -11.08 -0.45
C LEU A 200 -8.83 -9.64 0.05
N GLU A 201 -8.51 -9.48 1.32
CA GLU A 201 -8.30 -8.16 1.91
C GLU A 201 -6.92 -8.03 2.54
N VAL A 202 -6.51 -6.80 2.82
CA VAL A 202 -5.31 -6.54 3.59
C VAL A 202 -5.68 -6.53 5.06
N ALA A 203 -5.14 -7.48 5.82
CA ALA A 203 -5.49 -7.62 7.23
C ALA A 203 -4.61 -6.76 8.13
N GLY A 204 -3.41 -6.45 7.65
CA GLY A 204 -2.49 -5.60 8.40
C GLY A 204 -1.18 -5.50 7.66
N PHE A 205 -0.28 -4.68 8.18
CA PHE A 205 1.09 -4.65 7.69
C PHE A 205 2.03 -3.99 8.70
N ARG A 206 3.32 -4.26 8.56
CA ARG A 206 4.33 -3.77 9.50
C ARG A 206 5.59 -3.35 8.77
N ASN A 207 6.25 -2.32 9.29
CA ASN A 207 7.54 -1.89 8.78
C ASN A 207 7.57 -1.71 7.25
N LEU A 208 6.45 -1.29 6.68
CA LEU A 208 6.41 -1.01 5.26
C LEU A 208 7.39 0.12 4.96
N ARG A 209 8.06 0.04 3.81
CA ARG A 209 9.01 1.06 3.41
C ARG A 209 9.22 1.07 1.91
N PHE A 210 9.27 2.27 1.34
CA PHE A 210 9.48 2.44 -0.08
C PHE A 210 10.96 2.34 -0.38
N HIS A 211 11.30 1.68 -1.48
CA HIS A 211 12.68 1.61 -1.93
C HIS A 211 12.74 1.88 -3.43
N ARG A 212 13.89 2.37 -3.89
CA ARG A 212 14.19 2.43 -5.31
C ARG A 212 15.51 1.71 -5.55
N VAL A 213 15.45 0.62 -6.32
CA VAL A 213 16.59 -0.27 -6.46
C VAL A 213 16.96 -0.52 -7.91
N GLN A 214 18.19 -1.00 -8.11
CA GLN A 214 18.67 -1.41 -9.41
C GLN A 214 18.39 -2.90 -9.66
N ALA A 215 17.77 -3.19 -10.79
CA ALA A 215 17.52 -4.58 -11.20
C ALA A 215 17.47 -4.62 -12.72
N GLY A 216 18.01 -5.70 -13.30
CA GLY A 216 18.04 -5.85 -14.75
C GLY A 216 18.67 -4.64 -15.40
N LYS A 217 18.14 -4.22 -16.55
CA LYS A 217 18.56 -2.97 -17.16
C LYS A 217 17.57 -1.88 -16.81
N GLY A 218 17.57 -1.49 -15.54
CA GLY A 218 16.66 -0.43 -15.09
C GLY A 218 16.65 -0.20 -13.59
N PHE A 219 15.93 0.84 -13.18
CA PHE A 219 15.69 1.13 -11.77
C PHE A 219 14.21 0.98 -11.48
N PHE A 220 13.88 0.29 -10.40
CA PHE A 220 12.49 0.01 -10.09
C PHE A 220 12.18 0.38 -8.65
N PRO A 221 10.92 0.79 -8.40
CA PRO A 221 10.46 1.04 -7.04
C PRO A 221 10.02 -0.28 -6.43
N GLY A 222 9.74 -0.29 -5.14
CA GLY A 222 9.30 -1.51 -4.50
C GLY A 222 9.22 -1.33 -3.01
N PHE A 223 8.44 -2.18 -2.36
CA PHE A 223 8.23 -2.06 -0.93
C PHE A 223 8.85 -3.23 -0.17
N THR A 224 9.06 -3.02 1.13
CA THR A 224 9.54 -4.08 2.01
C THR A 224 8.74 -4.04 3.31
N GLY A 225 8.77 -5.13 4.06
CA GLY A 225 8.05 -5.21 5.32
C GLY A 225 7.14 -6.42 5.34
N GLU A 226 6.19 -6.43 6.27
CA GLU A 226 5.27 -7.54 6.42
C GLU A 226 3.85 -7.13 6.02
N ALA A 227 3.03 -8.13 5.69
CA ALA A 227 1.66 -7.88 5.26
C ALA A 227 0.83 -9.13 5.46
N THR A 228 -0.17 -9.04 6.33
CA THR A 228 -1.10 -10.13 6.52
C THR A 228 -2.25 -10.00 5.53
N LEU A 229 -2.45 -11.05 4.74
CA LEU A 229 -3.59 -11.13 3.85
C LEU A 229 -4.72 -11.84 4.58
N ARG A 230 -5.94 -11.70 4.09
CA ARG A 230 -7.06 -12.45 4.65
C ARG A 230 -8.09 -12.81 3.60
N LEU A 231 -8.50 -14.09 3.62
CA LEU A 231 -9.58 -14.59 2.78
C LEU A 231 -10.89 -14.50 3.55
N TRP A 232 -11.87 -13.81 2.96
CA TRP A 232 -13.18 -13.68 3.59
C TRP A 232 -14.14 -14.73 3.05
N SER A 233 -13.69 -15.53 2.09
CA SER A 233 -14.49 -16.63 1.57
C SER A 233 -14.38 -17.85 2.48
N GLN A 234 -15.35 -18.76 2.32
CA GLN A 234 -15.33 -20.01 3.08
C GLN A 234 -15.01 -21.19 2.17
N SER A 235 -14.79 -20.90 0.90
CA SER A 235 -14.45 -21.93 -0.08
C SER A 235 -13.14 -22.63 0.27
N LEU A 236 -13.18 -23.95 0.40
CA LEU A 236 -11.97 -24.71 0.72
C LEU A 236 -11.02 -24.74 -0.46
N GLU A 237 -11.54 -24.54 -1.67
CA GLU A 237 -10.70 -24.43 -2.85
C GLU A 237 -9.69 -23.32 -2.66
N ALA A 238 -10.16 -22.20 -2.12
CA ALA A 238 -9.33 -21.02 -1.95
C ALA A 238 -8.48 -21.08 -0.69
N GLN A 239 -9.03 -21.57 0.41
CA GLN A 239 -8.27 -21.66 1.65
C GLN A 239 -7.02 -22.52 1.45
N GLU A 240 -7.16 -23.61 0.71
CA GLU A 240 -6.03 -24.48 0.43
C GLU A 240 -5.08 -23.81 -0.57
N ALA A 241 -5.66 -23.19 -1.60
CA ALA A 241 -4.87 -22.44 -2.57
C ALA A 241 -3.97 -21.45 -1.83
N LEU A 242 -4.54 -20.79 -0.83
CA LEU A 242 -3.80 -19.84 -0.04
C LEU A 242 -2.66 -20.54 0.69
N GLY A 243 -2.93 -21.76 1.15
CA GLY A 243 -1.91 -22.56 1.80
C GLY A 243 -0.77 -22.89 0.86
N ARG A 244 -1.12 -23.37 -0.34
CA ARG A 244 -0.13 -23.74 -1.34
C ARG A 244 0.72 -22.53 -1.71
N LEU A 245 0.05 -21.45 -2.08
CA LEU A 245 0.73 -20.23 -2.52
C LEU A 245 1.57 -19.60 -1.42
N HIS A 246 1.02 -19.51 -0.22
CA HIS A 246 1.74 -19.00 0.93
C HIS A 246 3.05 -19.75 1.13
N ALA A 247 3.03 -21.06 0.88
CA ALA A 247 4.19 -21.92 1.09
C ALA A 247 5.25 -21.72 0.00
N LEU A 248 4.78 -21.61 -1.24
CA LEU A 248 5.66 -21.50 -2.39
C LEU A 248 6.40 -20.16 -2.44
N ALA A 249 5.88 -19.17 -1.72
CA ALA A 249 6.50 -17.86 -1.68
C ALA A 249 7.98 -17.97 -1.33
N PHE A 250 8.30 -18.90 -0.43
CA PHE A 250 9.67 -19.12 0.00
C PHE A 250 10.58 -19.44 -1.17
N PHE A 251 10.06 -20.19 -2.14
CA PHE A 251 10.88 -20.66 -3.26
C PHE A 251 10.69 -19.87 -4.55
N SER A 252 9.52 -19.27 -4.72
CA SER A 252 9.19 -18.63 -5.98
C SER A 252 9.45 -17.13 -6.01
N GLY A 253 9.39 -16.50 -4.84
CA GLY A 253 9.42 -15.05 -4.75
C GLY A 253 8.06 -14.48 -5.09
N VAL A 254 7.93 -13.16 -5.07
CA VAL A 254 6.66 -12.52 -5.40
C VAL A 254 6.88 -11.29 -6.28
N GLY A 255 6.47 -11.38 -7.54
CA GLY A 255 6.35 -10.20 -8.37
C GLY A 255 7.41 -10.14 -9.45
N ALA A 256 7.71 -8.93 -9.91
CA ALA A 256 8.63 -8.73 -11.02
C ALA A 256 10.09 -8.73 -10.58
N LYS A 257 10.95 -9.16 -11.48
CA LYS A 257 12.40 -9.04 -11.30
C LYS A 257 12.93 -9.92 -10.16
N THR A 258 12.31 -11.06 -9.94
CA THR A 258 12.80 -11.99 -8.91
C THR A 258 14.15 -12.58 -9.29
N PRO A 259 14.41 -12.76 -10.60
CA PRO A 259 15.73 -13.21 -11.02
C PRO A 259 16.81 -12.15 -10.73
N TYR A 260 16.39 -10.90 -10.60
CA TYR A 260 17.33 -9.79 -10.41
C TYR A 260 17.29 -9.19 -9.00
N GLY A 261 16.86 -9.97 -8.01
CA GLY A 261 17.02 -9.57 -6.62
C GLY A 261 15.81 -8.98 -5.91
N MET A 262 14.74 -8.72 -6.65
CA MET A 262 13.52 -8.19 -6.07
C MET A 262 12.57 -9.33 -5.72
N GLY A 263 11.63 -9.06 -4.82
CA GLY A 263 10.56 -9.99 -4.54
C GLY A 263 10.93 -11.16 -3.64
N LEU A 264 11.90 -10.96 -2.75
CA LEU A 264 12.29 -12.00 -1.81
C LEU A 264 11.25 -12.08 -0.69
N ALA A 265 10.19 -12.85 -0.93
CA ALA A 265 9.11 -12.98 0.03
C ALA A 265 9.31 -14.23 0.87
N VAL A 266 8.79 -14.20 2.09
CA VAL A 266 9.02 -15.27 3.06
C VAL A 266 7.80 -15.45 3.94
N PRO A 267 7.21 -16.66 3.94
CA PRO A 267 5.96 -16.88 4.68
C PRO A 267 6.18 -17.07 6.18
N LEU A 268 5.61 -16.16 6.98
CA LEU A 268 5.63 -16.29 8.43
C LEU A 268 4.37 -16.98 8.92
N ALA B 3 -16.55 33.36 4.33
CA ALA B 3 -17.99 33.67 4.20
C ALA B 3 -18.77 32.40 3.86
N SER B 4 -18.92 32.12 2.57
CA SER B 4 -19.51 30.87 2.08
C SER B 4 -18.38 29.98 1.57
N MET B 5 -17.18 30.23 2.07
CA MET B 5 -15.99 29.52 1.61
C MET B 5 -15.80 28.24 2.42
N PRO B 6 -15.13 27.24 1.83
CA PRO B 6 -14.61 26.13 2.62
C PRO B 6 -13.65 26.62 3.70
N GLN B 7 -13.69 25.97 4.86
CA GLN B 7 -12.87 26.36 5.99
C GLN B 7 -12.49 25.15 6.82
N ALA B 8 -11.44 25.31 7.62
CA ALA B 8 -11.08 24.34 8.65
C ALA B 8 -10.89 25.10 9.96
N VAL B 9 -11.52 24.61 11.02
CA VAL B 9 -11.33 25.17 12.36
C VAL B 9 -10.98 24.05 13.35
N VAL B 10 -10.32 24.40 14.44
CA VAL B 10 -9.94 23.44 15.47
C VAL B 10 -10.40 23.93 16.83
N LEU B 11 -11.05 23.06 17.60
CA LEU B 11 -11.65 23.43 18.87
C LEU B 11 -11.04 22.67 20.04
N GLU B 12 -10.39 23.39 20.96
CA GLU B 12 -9.97 22.76 22.21
C GLU B 12 -11.16 22.61 23.12
N LEU B 13 -11.53 21.38 23.41
CA LEU B 13 -12.59 21.12 24.37
C LEU B 13 -11.98 20.63 25.67
N VAL B 14 -11.60 21.56 26.54
CA VAL B 14 -10.98 21.20 27.80
C VAL B 14 -12.05 20.81 28.82
N GLY B 15 -12.05 19.54 29.22
CA GLY B 15 -13.01 19.04 30.19
C GLY B 15 -12.34 18.18 31.24
N GLU B 16 -13.16 17.48 32.02
CA GLU B 16 -12.66 16.78 33.19
C GLU B 16 -12.05 15.41 32.87
N LYS B 17 -12.63 14.72 31.89
CA LYS B 17 -12.13 13.40 31.52
C LYS B 17 -12.18 13.19 30.02
N PRO B 18 -11.38 12.22 29.52
CA PRO B 18 -11.34 11.96 28.08
C PRO B 18 -12.66 11.39 27.57
N PRO B 19 -13.20 11.95 26.47
CA PRO B 19 -14.38 11.38 25.84
C PRO B 19 -14.19 9.89 25.50
N LEU B 20 -15.10 9.06 25.96
CA LEU B 20 -15.03 7.62 25.74
C LEU B 20 -14.98 7.28 24.24
N TYR B 21 -15.67 8.07 23.43
CA TYR B 21 -15.70 7.89 21.98
C TYR B 21 -15.65 9.23 21.26
N PRO B 22 -14.46 9.84 21.17
CA PRO B 22 -14.37 11.21 20.64
C PRO B 22 -14.96 11.34 19.24
N ALA B 23 -14.55 10.46 18.33
CA ALA B 23 -15.04 10.52 16.96
C ALA B 23 -16.56 10.53 16.93
N ARG B 24 -17.16 9.63 17.71
CA ARG B 24 -18.60 9.45 17.75
C ARG B 24 -19.31 10.61 18.44
N TYR B 25 -18.91 10.86 19.68
CA TYR B 25 -19.48 11.95 20.48
C TYR B 25 -19.37 13.28 19.74
N ALA B 26 -18.30 13.45 18.98
CA ALA B 26 -18.11 14.69 18.23
C ALA B 26 -19.17 14.80 17.14
N HIS B 27 -19.58 13.65 16.60
CA HIS B 27 -20.60 13.59 15.57
C HIS B 27 -21.93 14.03 16.16
N GLY B 28 -22.22 13.56 17.36
CA GLY B 28 -23.45 13.93 18.04
C GLY B 28 -23.46 15.40 18.38
N LEU B 29 -22.38 15.86 19.01
CA LEU B 29 -22.24 17.28 19.34
C LEU B 29 -22.52 18.13 18.12
N PHE B 30 -22.01 17.71 16.97
CA PHE B 30 -22.16 18.50 15.75
C PHE B 30 -23.62 18.64 15.34
N PHE B 31 -24.33 17.52 15.25
CA PHE B 31 -25.71 17.56 14.81
C PHE B 31 -26.61 18.19 15.87
N ALA B 32 -26.37 17.84 17.13
CA ALA B 32 -27.09 18.48 18.23
C ALA B 32 -26.96 20.00 18.08
N LEU B 33 -25.73 20.47 17.91
CA LEU B 33 -25.49 21.89 17.68
C LEU B 33 -26.23 22.38 16.46
N LEU B 34 -25.91 21.77 15.33
CA LEU B 34 -26.44 22.20 14.04
C LEU B 34 -27.97 22.21 13.99
N SER B 35 -28.63 21.47 14.89
CA SER B 35 -30.08 21.35 14.84
C SER B 35 -30.80 22.20 15.89
N ARG B 36 -30.03 22.73 16.85
CA ARG B 36 -30.56 23.72 17.77
C ARG B 36 -31.13 24.83 16.92
N VAL B 37 -30.39 25.15 15.86
CA VAL B 37 -30.68 26.25 14.95
C VAL B 37 -31.67 25.88 13.87
N SER B 38 -31.28 24.91 13.03
CA SER B 38 -32.06 24.57 11.84
C SER B 38 -32.20 23.06 11.69
N PRO B 39 -33.24 22.48 12.30
CA PRO B 39 -33.48 21.03 12.29
C PRO B 39 -33.68 20.43 10.89
N GLU B 40 -34.03 21.25 9.91
CA GLU B 40 -34.20 20.79 8.54
C GLU B 40 -32.84 20.56 7.90
N LEU B 41 -31.91 21.48 8.14
CA LEU B 41 -30.55 21.33 7.65
C LEU B 41 -29.96 20.07 8.24
N ALA B 42 -30.19 19.86 9.52
CA ALA B 42 -29.68 18.69 10.22
C ALA B 42 -30.19 17.40 9.59
N GLN B 43 -31.51 17.27 9.49
CA GLN B 43 -32.13 16.06 8.93
C GLN B 43 -31.72 15.83 7.48
N LYS B 44 -31.83 16.86 6.66
CA LYS B 44 -31.50 16.73 5.24
C LYS B 44 -30.03 16.38 5.06
N LEU B 45 -29.17 17.05 5.82
CA LEU B 45 -27.73 16.81 5.74
C LEU B 45 -27.42 15.38 6.16
N HIS B 46 -27.93 15.02 7.34
CA HIS B 46 -27.75 13.68 7.91
C HIS B 46 -27.94 12.60 6.85
N GLU B 47 -29.00 12.73 6.08
CA GLU B 47 -29.41 11.72 5.11
C GLU B 47 -28.51 11.64 3.87
N ALA B 48 -27.80 12.72 3.58
CA ALA B 48 -27.02 12.82 2.34
C ALA B 48 -25.92 11.75 2.30
N PRO B 49 -25.84 11.02 1.18
CA PRO B 49 -24.78 10.01 0.98
C PRO B 49 -23.41 10.67 0.92
N ARG B 50 -23.34 11.89 0.44
CA ARG B 50 -22.09 12.63 0.42
C ARG B 50 -22.24 13.91 1.22
N LYS B 51 -21.51 13.98 2.34
CA LYS B 51 -21.62 15.11 3.24
C LYS B 51 -20.48 16.11 3.08
N PRO B 52 -20.80 17.40 2.96
CA PRO B 52 -19.79 18.44 2.80
C PRO B 52 -19.21 18.92 4.14
N PHE B 53 -18.73 17.99 4.96
CA PHE B 53 -18.04 18.33 6.19
C PHE B 53 -17.20 17.14 6.67
N THR B 54 -16.19 17.41 7.48
CA THR B 54 -15.45 16.33 8.13
C THR B 54 -15.34 16.64 9.61
N LEU B 55 -15.18 15.60 10.41
CA LEU B 55 -15.11 15.73 11.86
C LEU B 55 -14.03 14.78 12.35
N ALA B 56 -12.94 15.34 12.87
CA ALA B 56 -11.79 14.53 13.21
C ALA B 56 -11.15 14.99 14.50
N PRO B 57 -11.18 14.13 15.53
CA PRO B 57 -10.31 14.36 16.68
C PRO B 57 -8.86 14.29 16.23
N LEU B 58 -8.10 15.36 16.43
CA LEU B 58 -6.70 15.39 16.03
C LEU B 58 -5.89 14.40 16.85
N PRO B 59 -4.83 13.84 16.24
CA PRO B 59 -4.07 12.75 16.86
C PRO B 59 -2.84 13.22 17.65
N ARG B 60 -2.25 12.28 18.38
CA ARG B 60 -0.94 12.46 19.00
C ARG B 60 -1.04 12.87 20.46
N THR B 67 -1.11 16.40 23.51
CA THR B 67 -2.16 17.07 24.26
C THR B 67 -2.16 16.57 25.71
N LEU B 68 -3.23 16.87 26.44
CA LEU B 68 -3.37 16.44 27.82
C LEU B 68 -4.65 15.61 27.95
N LYS B 69 -4.68 14.67 28.89
CA LYS B 69 -5.89 13.90 29.13
C LYS B 69 -7.00 14.80 29.67
N GLY B 70 -8.22 14.59 29.21
CA GLY B 70 -9.32 15.45 29.61
C GLY B 70 -9.58 16.52 28.56
N THR B 71 -8.58 16.76 27.69
CA THR B 71 -8.69 17.76 26.64
C THR B 71 -8.79 17.09 25.28
N LEU B 72 -9.57 17.70 24.38
CA LEU B 72 -9.75 17.17 23.04
C LEU B 72 -9.66 18.30 22.02
N ARG B 73 -9.03 18.03 20.88
CA ARG B 73 -9.00 18.97 19.77
C ARG B 73 -9.77 18.40 18.59
N LEU B 74 -10.80 19.12 18.15
CA LEU B 74 -11.64 18.69 17.04
C LEU B 74 -11.35 19.56 15.84
N ARG B 75 -11.01 18.95 14.71
CA ARG B 75 -11.01 19.69 13.47
C ARG B 75 -12.34 19.56 12.74
N LEU B 76 -12.89 20.70 12.33
CA LEU B 76 -14.13 20.73 11.59
C LEU B 76 -13.84 21.41 10.27
N THR B 77 -14.05 20.70 9.17
CA THR B 77 -14.03 21.34 7.87
C THR B 77 -15.47 21.48 7.40
N THR B 78 -15.69 22.39 6.47
CA THR B 78 -17.01 22.57 5.87
C THR B 78 -16.80 23.00 4.42
N LEU B 79 -17.63 22.45 3.53
CA LEU B 79 -17.55 22.78 2.11
C LEU B 79 -18.74 23.66 1.72
N ASP B 80 -19.90 23.38 2.32
CA ASP B 80 -21.10 24.15 2.05
C ASP B 80 -21.02 25.54 2.63
N ASP B 81 -21.90 26.41 2.16
CA ASP B 81 -21.98 27.77 2.65
C ASP B 81 -22.91 27.83 3.86
N GLY B 82 -24.03 27.12 3.77
CA GLY B 82 -25.07 27.19 4.77
C GLY B 82 -24.79 26.33 5.99
N LEU B 83 -23.68 25.60 5.96
CA LEU B 83 -23.32 24.77 7.10
C LEU B 83 -22.62 25.57 8.18
N PHE B 84 -21.70 26.44 7.79
CA PHE B 84 -20.86 27.09 8.78
C PHE B 84 -21.67 28.01 9.68
N ALA B 85 -22.56 28.79 9.08
CA ALA B 85 -23.26 29.83 9.82
C ALA B 85 -24.08 29.28 11.00
N PRO B 86 -24.95 28.29 10.74
CA PRO B 86 -25.73 27.74 11.85
C PRO B 86 -24.84 27.16 12.94
N PHE B 87 -23.80 26.45 12.55
CA PHE B 87 -22.85 25.91 13.51
C PHE B 87 -22.30 27.04 14.38
N LEU B 88 -21.69 28.04 13.75
CA LEU B 88 -21.20 29.22 14.45
C LEU B 88 -22.23 29.76 15.43
N ARG B 89 -23.49 29.86 15.00
CA ARG B 89 -24.56 30.33 15.87
C ARG B 89 -24.76 29.42 17.08
N ALA B 90 -24.99 28.14 16.81
CA ALA B 90 -25.14 27.14 17.87
C ALA B 90 -23.95 27.20 18.81
N LEU B 91 -22.76 27.24 18.22
CA LEU B 91 -21.52 27.30 19.00
C LEU B 91 -21.52 28.51 19.94
N LEU B 92 -21.60 29.71 19.38
CA LEU B 92 -21.68 30.93 20.20
C LEU B 92 -22.78 30.80 21.24
N GLU B 93 -23.97 30.39 20.82
CA GLU B 93 -25.08 30.20 21.75
C GLU B 93 -24.76 29.11 22.78
N ALA B 94 -24.19 28.01 22.29
CA ALA B 94 -23.89 26.85 23.11
C ALA B 94 -22.75 27.10 24.10
N ALA B 95 -21.67 27.71 23.61
CA ALA B 95 -20.40 27.73 24.33
C ALA B 95 -20.45 28.01 25.84
N PRO B 96 -21.22 29.03 26.26
CA PRO B 96 -21.21 29.44 27.67
C PRO B 96 -21.50 28.30 28.67
N ASP B 97 -22.32 27.33 28.29
CA ASP B 97 -22.65 26.22 29.18
C ASP B 97 -21.73 25.03 28.93
N GLY B 98 -20.72 25.22 28.08
CA GLY B 98 -19.83 24.14 27.70
C GLY B 98 -20.49 23.25 26.68
N LEU B 99 -19.67 22.60 25.85
CA LEU B 99 -20.16 21.70 24.83
C LEU B 99 -20.09 20.27 25.36
N PRO B 100 -21.19 19.50 25.22
CA PRO B 100 -21.23 18.16 25.79
C PRO B 100 -20.79 17.03 24.83
N LEU B 101 -19.74 16.32 25.20
CA LEU B 101 -19.33 15.10 24.48
C LEU B 101 -19.69 13.89 25.33
N GLY B 102 -20.70 13.15 24.90
CA GLY B 102 -21.22 12.06 25.69
C GLY B 102 -22.02 12.57 26.88
N ASP B 103 -21.57 12.26 28.09
CA ASP B 103 -22.27 12.66 29.30
C ASP B 103 -21.51 13.68 30.14
N SER B 104 -20.51 14.31 29.54
CA SER B 104 -19.77 15.38 30.20
C SER B 104 -19.72 16.60 29.29
N SER B 105 -19.47 17.76 29.88
CA SER B 105 -19.35 19.00 29.12
C SER B 105 -17.92 19.50 29.13
N TYR B 106 -17.49 20.03 27.99
CA TYR B 106 -16.14 20.51 27.82
C TYR B 106 -16.17 21.99 27.47
N ARG B 107 -15.18 22.71 27.97
CA ARG B 107 -15.14 24.16 27.82
C ARG B 107 -14.38 24.56 26.56
N LEU B 108 -15.03 25.33 25.71
CA LEU B 108 -14.38 25.81 24.49
C LEU B 108 -13.22 26.71 24.86
N ALA B 109 -12.12 26.08 25.28
CA ALA B 109 -10.93 26.81 25.65
C ALA B 109 -10.39 27.58 24.45
N ARG B 110 -10.50 26.99 23.27
CA ARG B 110 -9.93 27.61 22.09
C ARG B 110 -10.73 27.35 20.82
N VAL B 111 -10.65 28.31 19.91
CA VAL B 111 -11.18 28.17 18.57
C VAL B 111 -10.11 28.69 17.63
N LEU B 112 -9.58 27.82 16.78
CA LEU B 112 -8.44 28.18 15.95
C LEU B 112 -8.80 28.15 14.47
N ALA B 113 -9.45 29.20 14.01
CA ALA B 113 -9.86 29.30 12.61
C ALA B 113 -8.77 29.92 11.74
N THR B 114 -7.64 30.24 12.36
CA THR B 114 -6.56 30.93 11.67
C THR B 114 -5.43 29.99 11.32
N ARG B 115 -5.00 30.02 10.05
CA ARG B 115 -3.91 29.17 9.60
C ARG B 115 -2.71 29.27 10.54
N GLU B 116 -2.40 30.48 10.98
CA GLU B 116 -1.27 30.70 11.88
C GLU B 116 -1.57 30.20 13.30
N GLY B 117 -2.86 30.11 13.63
CA GLY B 117 -3.28 29.57 14.91
C GLY B 117 -3.11 28.06 14.97
N HIS B 118 -3.27 27.39 13.84
CA HIS B 118 -3.08 25.94 13.75
C HIS B 118 -2.95 25.50 12.29
N PRO B 119 -1.90 24.72 11.97
CA PRO B 119 -1.55 24.42 10.57
C PRO B 119 -2.66 23.71 9.82
N LEU B 120 -3.71 23.32 10.53
CA LEU B 120 -4.76 22.48 9.96
C LEU B 120 -6.04 23.30 9.85
N ALA B 121 -5.93 24.61 10.09
CA ALA B 121 -7.08 25.50 10.03
C ALA B 121 -6.91 26.56 8.93
N GLY B 122 -8.00 27.25 8.61
CA GLY B 122 -7.95 28.32 7.61
C GLY B 122 -9.10 28.23 6.63
N ALA B 123 -9.12 29.15 5.67
CA ALA B 123 -10.15 29.13 4.63
C ALA B 123 -9.54 29.41 3.26
N THR B 124 -10.28 29.07 2.21
CA THR B 124 -9.94 29.45 0.85
C THR B 124 -11.20 29.46 0.01
N SER B 125 -11.21 30.28 -1.03
CA SER B 125 -12.35 30.36 -1.93
C SER B 125 -12.28 29.24 -2.97
N TRP B 126 -13.43 28.78 -3.45
CA TRP B 126 -13.47 27.78 -4.51
C TRP B 126 -12.63 28.23 -5.69
N GLU B 127 -12.56 29.54 -5.91
CA GLU B 127 -11.79 30.09 -7.01
C GLU B 127 -10.29 29.90 -6.79
N GLU B 128 -9.84 30.05 -5.55
CA GLU B 128 -8.46 29.76 -5.22
C GLU B 128 -8.17 28.28 -5.49
N LEU B 129 -8.93 27.41 -4.83
CA LEU B 129 -8.79 25.97 -5.01
C LEU B 129 -8.72 25.63 -6.49
N LYS B 130 -9.61 26.23 -7.27
CA LYS B 130 -9.74 25.91 -8.68
C LYS B 130 -8.57 26.42 -9.52
N GLU B 131 -7.95 27.51 -9.07
CA GLU B 131 -6.80 28.07 -9.77
C GLU B 131 -5.51 27.58 -9.14
N ALA B 132 -5.51 26.33 -8.69
CA ALA B 132 -4.33 25.73 -8.08
C ALA B 132 -3.31 25.37 -9.15
N PRO B 133 -2.04 25.75 -8.93
CA PRO B 133 -1.01 25.45 -9.92
C PRO B 133 -1.01 23.98 -10.33
N LYS B 134 -0.95 23.69 -11.63
CA LYS B 134 -1.02 22.31 -12.10
C LYS B 134 0.16 21.50 -11.59
N ARG B 135 -0.10 20.22 -11.35
CA ARG B 135 0.89 19.35 -10.73
C ARG B 135 1.06 18.07 -11.52
N GLU B 136 2.30 17.59 -11.60
CA GLU B 136 2.57 16.28 -12.17
C GLU B 136 2.77 15.26 -11.05
N LYS B 137 3.05 15.77 -9.86
CA LYS B 137 3.14 14.93 -8.67
C LYS B 137 2.47 15.60 -7.48
N ALA B 138 1.85 14.80 -6.62
CA ALA B 138 1.16 15.32 -5.44
C ALA B 138 1.40 14.43 -4.22
N THR B 139 2.00 15.00 -3.18
CA THR B 139 2.22 14.28 -1.93
C THR B 139 1.12 14.61 -0.94
N PHE B 140 0.70 13.61 -0.17
CA PHE B 140 -0.31 13.84 0.86
C PHE B 140 0.19 13.35 2.20
N ARG B 141 -0.23 14.03 3.28
CA ARG B 141 0.02 13.51 4.60
C ARG B 141 -1.29 13.07 5.23
N PHE B 142 -1.42 11.76 5.43
CA PHE B 142 -2.61 11.20 6.06
C PHE B 142 -2.38 11.09 7.56
N LEU B 143 -2.97 12.02 8.32
CA LEU B 143 -2.72 12.11 9.74
C LEU B 143 -3.56 11.12 10.58
N THR B 144 -4.71 10.72 10.06
CA THR B 144 -5.55 9.76 10.76
C THR B 144 -5.93 8.66 9.81
N PRO B 145 -6.14 7.45 10.34
CA PRO B 145 -6.40 6.26 9.52
C PRO B 145 -7.29 6.57 8.32
N THR B 146 -6.79 6.24 7.14
CA THR B 146 -7.49 6.50 5.89
C THR B 146 -7.82 5.18 5.20
N VAL B 147 -9.08 4.98 4.85
CA VAL B 147 -9.52 3.76 4.19
C VAL B 147 -10.49 4.05 3.06
N PHE B 148 -10.43 3.22 2.01
CA PHE B 148 -11.41 3.29 0.92
C PHE B 148 -12.33 2.08 0.98
N ALA B 149 -13.60 2.30 0.70
CA ALA B 149 -14.54 1.21 0.54
C ALA B 149 -14.38 0.63 -0.86
N THR B 150 -13.81 -0.56 -0.95
CA THR B 150 -13.70 -1.26 -2.23
C THR B 150 -14.57 -2.51 -2.21
N SER B 151 -15.86 -2.31 -2.40
CA SER B 151 -16.83 -3.38 -2.24
C SER B 151 -17.00 -4.16 -3.54
N LYS B 152 -17.52 -5.37 -3.45
CA LYS B 152 -17.63 -6.27 -4.61
C LYS B 152 -19.00 -6.93 -4.71
N PRO B 153 -19.28 -7.61 -5.85
CA PRO B 153 -20.53 -8.33 -6.11
C PRO B 153 -20.89 -9.37 -5.03
N GLY B 154 -22.16 -9.41 -4.63
CA GLY B 154 -22.57 -10.19 -3.47
C GLY B 154 -22.62 -9.27 -2.25
N GLY B 155 -22.86 -9.84 -1.08
CA GLY B 155 -22.83 -9.05 0.14
C GLY B 155 -21.41 -8.81 0.59
N ARG B 156 -20.55 -8.45 -0.36
CA ARG B 156 -19.11 -8.43 -0.13
C ARG B 156 -18.62 -7.12 0.45
N THR B 157 -18.49 -7.08 1.78
CA THR B 157 -17.93 -5.93 2.47
C THR B 157 -16.42 -6.01 2.44
N ARG B 158 -15.78 -5.07 1.74
CA ARG B 158 -14.34 -5.12 1.55
C ARG B 158 -13.74 -3.72 1.71
N TYR B 159 -12.54 -3.66 2.29
CA TYR B 159 -11.85 -2.40 2.53
C TYR B 159 -10.45 -2.40 1.93
N THR B 160 -10.02 -1.22 1.47
CA THR B 160 -8.67 -1.02 0.97
C THR B 160 -7.99 -0.01 1.87
N PRO B 161 -7.20 -0.49 2.84
CA PRO B 161 -6.51 0.41 3.75
C PRO B 161 -5.08 0.68 3.30
N LEU B 162 -4.92 1.14 2.06
CA LEU B 162 -3.61 1.62 1.62
C LEU B 162 -3.76 2.60 0.46
N PRO B 163 -2.74 3.45 0.26
CA PRO B 163 -2.88 4.63 -0.61
C PRO B 163 -2.90 4.29 -2.10
N ASP B 164 -3.99 3.69 -2.56
CA ASP B 164 -4.15 3.38 -3.98
C ASP B 164 -4.33 4.70 -4.73
N PRO B 165 -3.37 5.04 -5.60
CA PRO B 165 -3.44 6.34 -6.29
C PRO B 165 -4.82 6.57 -6.93
N ARG B 166 -5.34 5.54 -7.60
CA ARG B 166 -6.61 5.65 -8.29
C ARG B 166 -7.73 6.00 -7.32
N LEU B 167 -7.77 5.31 -6.19
CA LEU B 167 -8.84 5.51 -5.21
C LEU B 167 -8.73 6.85 -4.49
N ILE B 168 -7.50 7.24 -4.15
CA ILE B 168 -7.25 8.57 -3.60
C ILE B 168 -7.85 9.63 -4.52
N ALA B 169 -7.31 9.73 -5.72
CA ALA B 169 -7.82 10.65 -6.74
C ALA B 169 -9.33 10.47 -6.90
N GLY B 170 -9.77 9.22 -6.96
CA GLY B 170 -11.18 8.91 -7.12
C GLY B 170 -12.06 9.58 -6.08
N SER B 171 -11.60 9.59 -4.84
CA SER B 171 -12.37 10.20 -3.76
C SER B 171 -12.38 11.71 -3.91
N LEU B 172 -11.19 12.29 -4.05
CA LEU B 172 -11.07 13.73 -4.18
C LEU B 172 -11.89 14.26 -5.36
N LEU B 173 -12.04 13.44 -6.41
CA LEU B 173 -12.87 13.87 -7.54
C LEU B 173 -14.35 13.74 -7.18
N ASP B 174 -14.75 12.56 -6.75
CA ASP B 174 -16.12 12.34 -6.30
C ASP B 174 -16.54 13.46 -5.35
N LYS B 175 -15.64 13.82 -4.44
CA LYS B 175 -15.93 14.85 -3.45
C LYS B 175 -16.08 16.21 -4.11
N TRP B 176 -15.16 16.54 -5.02
CA TRP B 176 -15.21 17.80 -5.76
C TRP B 176 -16.53 17.95 -6.50
N GLN B 177 -16.84 16.96 -7.33
CA GLN B 177 -18.08 16.97 -8.11
C GLN B 177 -19.30 17.21 -7.22
N ALA B 178 -19.31 16.59 -6.06
CA ALA B 178 -20.45 16.64 -5.16
C ALA B 178 -20.62 17.99 -4.48
N HIS B 179 -19.52 18.66 -4.19
CA HIS B 179 -19.55 19.84 -3.33
C HIS B 179 -18.99 21.11 -3.97
N SER B 180 -18.66 21.03 -5.26
CA SER B 180 -17.97 22.15 -5.92
C SER B 180 -18.90 22.95 -6.85
N PRO B 181 -18.73 24.29 -6.88
CA PRO B 181 -19.50 25.12 -7.82
C PRO B 181 -19.01 25.05 -9.25
N PHE B 182 -17.81 24.53 -9.47
CA PHE B 182 -17.23 24.46 -10.81
C PHE B 182 -16.97 23.01 -11.23
N PRO B 183 -18.01 22.16 -11.16
CA PRO B 183 -17.87 20.74 -11.46
C PRO B 183 -17.61 20.47 -12.95
N TYR B 184 -16.89 19.39 -13.24
CA TYR B 184 -16.62 18.99 -14.62
C TYR B 184 -17.89 18.48 -15.30
N ASN B 185 -17.93 18.56 -16.63
CA ASN B 185 -18.99 17.95 -17.40
C ASN B 185 -18.68 16.46 -17.51
N PRO B 186 -19.72 15.63 -17.67
CA PRO B 186 -19.58 14.16 -17.70
C PRO B 186 -18.43 13.69 -18.58
N LYS B 187 -18.22 14.34 -19.71
CA LYS B 187 -17.13 13.99 -20.60
C LYS B 187 -15.79 14.17 -19.89
N GLU B 188 -15.61 15.33 -19.27
CA GLU B 188 -14.38 15.62 -18.56
C GLU B 188 -14.19 14.65 -17.39
N GLU B 189 -15.25 14.45 -16.61
CA GLU B 189 -15.20 13.49 -15.51
C GLU B 189 -14.79 12.11 -16.00
N ALA B 190 -15.36 11.69 -17.12
CA ALA B 190 -15.02 10.41 -17.72
C ALA B 190 -13.56 10.40 -18.17
N ALA B 191 -13.14 11.49 -18.80
CA ALA B 191 -11.77 11.60 -19.29
C ALA B 191 -10.78 11.85 -18.16
N LEU B 192 -11.28 12.06 -16.95
CA LEU B 192 -10.41 12.20 -15.79
C LEU B 192 -10.18 10.83 -15.16
N ARG B 193 -11.27 10.13 -14.87
CA ARG B 193 -11.16 8.80 -14.27
C ARG B 193 -10.30 7.92 -15.18
N GLU B 194 -10.41 8.17 -16.48
CA GLU B 194 -9.63 7.42 -17.45
C GLU B 194 -8.14 7.74 -17.35
N LEU B 195 -7.81 9.03 -17.38
CA LEU B 195 -6.42 9.46 -17.29
C LEU B 195 -5.83 9.11 -15.93
N PHE B 196 -6.69 8.86 -14.96
CA PHE B 196 -6.23 8.46 -13.64
C PHE B 196 -5.85 6.98 -13.61
N GLU B 197 -6.80 6.11 -13.96
CA GLU B 197 -6.53 4.68 -13.96
C GLU B 197 -5.55 4.30 -15.07
N LEU B 198 -5.09 5.28 -15.83
CA LEU B 198 -4.10 5.03 -16.87
C LEU B 198 -2.72 5.54 -16.49
N ASP B 199 -2.63 6.79 -16.04
CA ASP B 199 -1.34 7.44 -15.85
C ASP B 199 -0.93 7.72 -14.40
N LEU B 200 -1.69 7.21 -13.43
CA LEU B 200 -1.35 7.44 -12.02
C LEU B 200 -0.50 6.30 -11.47
N GLU B 201 0.47 6.66 -10.64
CA GLU B 201 1.36 5.68 -10.03
C GLU B 201 1.82 6.14 -8.65
N VAL B 202 2.34 5.20 -7.86
CA VAL B 202 2.79 5.51 -6.51
C VAL B 202 4.28 5.85 -6.53
N ALA B 203 4.57 7.14 -6.54
CA ALA B 203 5.95 7.62 -6.61
C ALA B 203 6.74 7.28 -5.35
N GLY B 204 6.05 7.14 -4.22
CA GLY B 204 6.73 6.83 -2.97
C GLY B 204 5.85 7.06 -1.76
N PHE B 205 6.38 6.76 -0.58
CA PHE B 205 5.64 6.97 0.65
C PHE B 205 6.52 6.89 1.91
N ARG B 206 6.13 7.62 2.94
CA ARG B 206 6.85 7.64 4.20
C ARG B 206 5.96 7.29 5.40
N ASN B 207 6.58 6.67 6.40
CA ASN B 207 5.93 6.41 7.68
C ASN B 207 4.55 5.79 7.58
N LEU B 208 4.37 4.91 6.59
CA LEU B 208 3.10 4.19 6.48
C LEU B 208 2.90 3.36 7.74
N ARG B 209 1.64 3.23 8.14
CA ARG B 209 1.30 2.54 9.36
C ARG B 209 -0.13 2.03 9.21
N PHE B 210 -0.39 0.86 9.76
CA PHE B 210 -1.72 0.26 9.66
C PHE B 210 -2.41 0.33 11.00
N HIS B 211 -3.70 0.69 10.98
CA HIS B 211 -4.48 0.84 12.20
C HIS B 211 -5.81 0.14 12.10
N ARG B 212 -6.40 -0.09 13.26
CA ARG B 212 -7.79 -0.47 13.37
C ARG B 212 -8.46 0.45 14.39
N VAL B 213 -9.38 1.28 13.91
CA VAL B 213 -9.92 2.34 14.74
C VAL B 213 -11.43 2.33 14.80
N GLN B 214 -11.96 2.76 15.94
CA GLN B 214 -13.39 2.97 16.09
C GLN B 214 -13.78 4.28 15.41
N ALA B 215 -14.31 4.17 14.19
CA ALA B 215 -14.77 5.34 13.45
C ALA B 215 -16.28 5.48 13.66
N GLY B 216 -16.65 5.88 14.87
CA GLY B 216 -18.04 5.99 15.23
C GLY B 216 -18.46 4.81 16.09
N LYS B 217 -19.37 4.00 15.57
CA LYS B 217 -19.85 2.84 16.29
C LYS B 217 -19.05 1.57 15.97
N GLY B 218 -18.44 1.53 14.79
CA GLY B 218 -17.71 0.36 14.35
C GLY B 218 -16.21 0.57 14.24
N PHE B 219 -15.50 -0.52 13.93
CA PHE B 219 -14.06 -0.48 13.76
C PHE B 219 -13.69 -0.69 12.29
N PHE B 220 -12.77 0.11 11.79
CA PHE B 220 -12.36 0.03 10.39
C PHE B 220 -10.85 0.05 10.30
N PRO B 221 -10.29 -0.69 9.33
CA PRO B 221 -8.84 -0.60 9.16
C PRO B 221 -8.53 0.62 8.31
N GLY B 222 -7.43 1.29 8.64
CA GLY B 222 -7.00 2.44 7.88
C GLY B 222 -5.49 2.53 7.94
N PHE B 223 -4.92 3.35 7.07
CA PHE B 223 -3.48 3.59 7.07
C PHE B 223 -3.19 5.06 7.34
N THR B 224 -1.98 5.35 7.80
CA THR B 224 -1.52 6.72 7.96
C THR B 224 -0.12 6.85 7.41
N GLY B 225 0.37 8.08 7.29
CA GLY B 225 1.69 8.32 6.74
C GLY B 225 1.59 9.24 5.54
N GLU B 226 2.62 9.22 4.69
CA GLU B 226 2.66 10.09 3.51
C GLU B 226 2.79 9.26 2.25
N ALA B 227 2.21 9.74 1.16
CA ALA B 227 2.34 9.09 -0.13
C ALA B 227 2.46 10.13 -1.22
N THR B 228 3.24 9.81 -2.25
CA THR B 228 3.37 10.71 -3.40
C THR B 228 2.81 10.06 -4.66
N LEU B 229 1.83 10.72 -5.27
CA LEU B 229 1.25 10.23 -6.51
C LEU B 229 1.91 10.92 -7.67
N ARG B 230 2.31 10.15 -8.68
CA ARG B 230 2.83 10.74 -9.90
C ARG B 230 1.87 10.48 -11.06
N LEU B 231 1.88 11.41 -12.01
CA LEU B 231 0.98 11.38 -13.15
C LEU B 231 1.80 11.57 -14.41
N TRP B 232 1.81 10.56 -15.28
CA TRP B 232 2.69 10.55 -16.45
C TRP B 232 2.06 11.30 -17.61
N SER B 233 0.76 11.52 -17.53
CA SER B 233 0.05 12.33 -18.50
C SER B 233 0.65 13.73 -18.51
N GLN B 234 1.11 14.19 -19.67
CA GLN B 234 1.46 15.59 -19.86
C GLN B 234 0.20 16.37 -20.24
N SER B 235 -0.91 15.66 -20.41
CA SER B 235 -2.18 16.28 -20.77
C SER B 235 -2.53 17.31 -19.70
N LEU B 236 -2.49 18.58 -20.10
CA LEU B 236 -2.62 19.70 -19.18
C LEU B 236 -3.92 19.69 -18.37
N GLU B 237 -4.99 19.14 -18.95
CA GLU B 237 -6.29 19.09 -18.28
C GLU B 237 -6.22 18.20 -17.04
N ALA B 238 -5.51 17.08 -17.16
CA ALA B 238 -5.35 16.16 -16.05
C ALA B 238 -4.40 16.72 -15.01
N GLN B 239 -3.36 17.41 -15.46
CA GLN B 239 -2.36 17.96 -14.57
C GLN B 239 -2.97 18.93 -13.55
N GLU B 240 -3.66 19.95 -14.04
CA GLU B 240 -4.22 20.96 -13.16
C GLU B 240 -5.42 20.42 -12.41
N ALA B 241 -5.98 19.31 -12.87
CA ALA B 241 -7.03 18.64 -12.13
C ALA B 241 -6.41 18.06 -10.85
N LEU B 242 -5.19 17.56 -10.96
CA LEU B 242 -4.47 17.03 -9.80
C LEU B 242 -4.23 18.14 -8.80
N GLY B 243 -3.87 19.32 -9.32
CA GLY B 243 -3.63 20.48 -8.48
C GLY B 243 -4.85 20.87 -7.67
N ARG B 244 -6.01 20.85 -8.32
CA ARG B 244 -7.26 21.18 -7.65
C ARG B 244 -7.58 20.18 -6.54
N LEU B 245 -7.56 18.90 -6.87
CA LEU B 245 -7.87 17.85 -5.90
C LEU B 245 -6.88 17.86 -4.74
N HIS B 246 -5.61 18.07 -5.06
CA HIS B 246 -4.58 18.09 -4.02
C HIS B 246 -4.88 19.17 -3.00
N ALA B 247 -5.34 20.34 -3.47
CA ALA B 247 -5.73 21.42 -2.58
C ALA B 247 -7.03 21.09 -1.85
N LEU B 248 -7.98 20.52 -2.57
CA LEU B 248 -9.27 20.17 -2.01
C LEU B 248 -9.13 19.22 -0.82
N ALA B 249 -8.11 18.38 -0.85
CA ALA B 249 -7.94 17.38 0.20
C ALA B 249 -7.97 18.04 1.57
N PHE B 250 -7.36 19.21 1.66
CA PHE B 250 -7.24 19.90 2.94
C PHE B 250 -8.59 20.14 3.59
N PHE B 251 -9.65 20.17 2.78
CA PHE B 251 -10.98 20.48 3.31
C PHE B 251 -11.94 19.31 3.18
N SER B 252 -11.75 18.51 2.13
CA SER B 252 -12.71 17.47 1.83
C SER B 252 -12.40 16.17 2.56
N GLY B 253 -11.14 15.99 2.93
CA GLY B 253 -10.70 14.73 3.47
C GLY B 253 -10.51 13.73 2.35
N VAL B 254 -10.14 12.50 2.68
CA VAL B 254 -9.90 11.47 1.66
C VAL B 254 -10.54 10.13 2.02
N GLY B 255 -11.36 9.62 1.12
CA GLY B 255 -11.92 8.30 1.26
C GLY B 255 -13.17 8.26 2.14
N ALA B 256 -13.28 7.20 2.93
CA ALA B 256 -14.48 6.92 3.69
C ALA B 256 -14.36 7.36 5.15
N LYS B 257 -15.51 7.67 5.75
CA LYS B 257 -15.62 7.85 7.20
C LYS B 257 -15.00 9.16 7.71
N THR B 258 -14.95 10.17 6.86
CA THR B 258 -14.40 11.47 7.27
C THR B 258 -15.22 12.11 8.38
N PRO B 259 -16.54 11.85 8.40
CA PRO B 259 -17.33 12.42 9.49
C PRO B 259 -17.01 11.79 10.84
N TYR B 260 -16.25 10.70 10.83
CA TYR B 260 -15.95 9.98 12.06
C TYR B 260 -14.45 9.88 12.34
N GLY B 261 -13.67 10.83 11.85
CA GLY B 261 -12.28 10.98 12.24
C GLY B 261 -11.29 10.42 11.25
N MET B 262 -11.74 9.50 10.41
CA MET B 262 -10.85 8.89 9.43
C MET B 262 -10.61 9.84 8.26
N GLY B 263 -9.62 9.51 7.45
CA GLY B 263 -9.44 10.19 6.17
C GLY B 263 -8.87 11.59 6.24
N LEU B 264 -8.29 11.97 7.36
CA LEU B 264 -7.71 13.31 7.49
C LEU B 264 -6.42 13.42 6.68
N ALA B 265 -6.55 13.85 5.43
CA ALA B 265 -5.40 14.02 4.55
C ALA B 265 -5.05 15.49 4.42
N VAL B 266 -3.78 15.77 4.18
CA VAL B 266 -3.27 17.13 4.18
C VAL B 266 -2.24 17.32 3.07
N PRO B 267 -2.47 18.29 2.17
CA PRO B 267 -1.59 18.46 1.00
C PRO B 267 -0.20 18.96 1.35
N LEU B 268 0.83 18.25 0.91
CA LEU B 268 2.22 18.71 1.01
C LEU B 268 2.73 19.19 -0.35
P 23G C 29 15.11 -12.31 -16.65
N1 23G C 29 14.84 -4.23 -19.56
C2 23G C 29 15.76 -4.67 -20.46
N2 23G C 29 16.21 -3.76 -21.33
N3 23G C 29 16.21 -5.92 -20.52
C4 23G C 29 15.65 -6.71 -19.58
C5 23G C 29 14.72 -6.34 -18.62
C6 23G C 29 14.25 -5.01 -18.57
O6 23G C 29 13.42 -4.50 -17.80
N7 23G C 29 14.38 -7.42 -17.82
C8 23G C 29 15.10 -8.40 -18.29
N9 23G C 29 15.90 -8.05 -19.36
PC 23G C 29 20.12 -9.77 -20.49
C1' 23G C 29 16.81 -8.97 -20.05
C2' 23G C 29 17.99 -9.41 -19.19
O2' 23G C 29 19.19 -8.76 -19.59
C3' 23G C 29 18.10 -10.91 -19.41
O3' 23G C 29 19.16 -11.05 -20.32
C4' 23G C 29 16.78 -11.33 -20.05
O4' 23G C 29 16.06 -10.13 -20.40
C5' 23G C 29 15.90 -12.17 -19.15
O5' 23G C 29 15.65 -11.51 -17.91
OC1 23G C 29 20.34 -9.57 -21.95
OC2 23G C 29 21.29 -9.94 -19.60
OP1 23G C 29 16.08 -13.37 -16.26
OP2 23G C 29 14.65 -11.36 -15.61
HN1 23G C 29 14.57 -3.28 -19.60
HN2 23G C 29 15.88 -2.84 -21.28
H8 23G C 29 15.07 -9.30 -17.92
H1' 23G C 29 17.14 -8.54 -20.87
H2' 23G C 29 17.81 -9.23 -18.24
H3' 23G C 29 18.27 -11.38 -18.58
H4' 23G C 29 16.98 -11.84 -20.86
H5' 23G C 29 15.05 -12.33 -19.60
H5'A 23G C 29 16.35 -13.02 -18.98
H22 23G C 29 16.87 -4.02 -22.01
P 23G D 29 -22.06 9.69 8.39
N1 23G D 29 -22.87 1.41 9.92
C2 23G D 29 -23.99 1.78 10.62
N2 23G D 29 -24.62 0.80 11.28
N3 23G D 29 -24.46 3.03 10.68
C4 23G D 29 -23.70 3.90 9.97
C5 23G D 29 -22.57 3.60 9.23
C6 23G D 29 -22.08 2.27 9.18
O6 23G D 29 -21.09 1.83 8.57
N7 23G D 29 -22.06 4.74 8.63
C8 23G D 29 -22.87 5.69 9.00
N9 23G D 29 -23.90 5.25 9.83
PC 23G D 29 -26.32 7.23 13.40
C1' 23G D 29 -24.95 6.13 10.38
C2' 23G D 29 -24.52 6.88 11.65
O2' 23G D 29 -25.10 6.29 12.82
C3' 23G D 29 -25.03 8.29 11.46
O3' 23G D 29 -26.18 8.37 12.27
C4' 23G D 29 -25.39 8.40 9.98
O4' 23G D 29 -25.27 7.09 9.40
C5' 23G D 29 -24.52 9.36 9.20
O5' 23G D 29 -23.25 8.79 8.93
OC1 23G D 29 -27.72 6.73 13.36
OC2 23G D 29 -25.80 7.78 14.67
OP1 23G D 29 -22.10 11.02 9.04
OP2 23G D 29 -20.78 8.93 8.42
HN1 23G D 29 -22.63 0.46 9.94
HN2 23G D 29 -24.28 -0.12 11.23
H8 23G D 29 -22.77 6.62 8.74
H1' 23G D 29 -25.75 5.59 10.58
H2' 23G D 29 -23.54 6.88 11.73
H3' 23G D 29 -24.35 8.95 11.72
H4' 23G D 29 -26.32 8.71 9.90
H5' 23G D 29 -24.96 9.59 8.36
H5'A 23G D 29 -24.39 10.18 9.73
H22 23G D 29 -25.42 0.99 11.81
#